data_1Y9I
#
_entry.id   1Y9I
#
_cell.length_a   55.908
_cell.length_b   101.069
_cell.length_c   63.096
_cell.angle_alpha   90.00
_cell.angle_beta   95.40
_cell.angle_gamma   90.00
#
_symmetry.space_group_name_H-M   'P 1 21 1'
#
loop_
_entity.id
_entity.type
_entity.pdbx_description
1 polymer 'low temperature requirement C protein'
2 non-polymer 'CALCIUM ION'
3 non-polymer 'MAGNESIUM ION'
4 non-polymer GLYCEROL
5 water water
#
_entity_poly.entity_id   1
_entity_poly.type   'polypeptide(L)'
_entity_poly.pdbx_seq_one_letter_code
;(MSE)SLVEKQSALESKARSWLIERGVEIDDIAELVLFLQQKYHPGLELDICRQNVEHVLRKREVQNAVLTGIQLDV
(MSE)AEKGELVQPLQNIISADEGLYGVDEILALSIVNVYGSIGFTNYGYIDKVKPGILAKLNEHDGIAVHTFLDDIVGA
IAAAAASRLAHSYHDDIVNEGGSHHHHHH
;
_entity_poly.pdbx_strand_id   A,B,C,D
#
# COMPACT_ATOMS: atom_id res chain seq x y z
N LYS A 6 -23.28 -21.41 8.24
CA LYS A 6 -22.16 -21.37 9.22
C LYS A 6 -21.13 -20.30 8.89
N GLN A 7 -20.68 -19.60 9.93
CA GLN A 7 -19.68 -18.55 9.81
C GLN A 7 -18.64 -18.76 10.91
N SER A 8 -17.38 -18.51 10.60
CA SER A 8 -16.32 -18.68 11.57
C SER A 8 -16.56 -17.77 12.78
N ALA A 9 -15.77 -17.98 13.83
CA ALA A 9 -15.89 -17.18 15.04
C ALA A 9 -15.43 -15.76 14.73
N LEU A 10 -14.48 -15.64 13.82
CA LEU A 10 -13.96 -14.36 13.41
C LEU A 10 -15.04 -13.56 12.70
N GLU A 11 -15.67 -14.16 11.69
CA GLU A 11 -16.72 -13.48 10.94
C GLU A 11 -17.90 -13.12 11.82
N SER A 12 -18.34 -14.07 12.65
CA SER A 12 -19.47 -13.85 13.53
C SER A 12 -19.26 -12.61 14.39
N LYS A 13 -18.10 -12.55 15.06
CA LYS A 13 -17.78 -11.43 15.92
C LYS A 13 -17.66 -10.12 15.16
N ALA A 14 -17.09 -10.17 13.97
CA ALA A 14 -16.93 -8.97 13.15
C ALA A 14 -18.29 -8.35 12.84
N ARG A 15 -19.22 -9.18 12.39
CA ARG A 15 -20.55 -8.73 12.04
C ARG A 15 -21.33 -8.17 13.24
N SER A 16 -21.35 -8.91 14.34
CA SER A 16 -22.06 -8.47 15.53
C SER A 16 -21.47 -7.22 16.18
N TRP A 17 -20.14 -7.07 16.10
CA TRP A 17 -19.51 -5.91 16.70
C TRP A 17 -19.85 -4.66 15.91
N LEU A 18 -19.88 -4.78 14.58
CA LEU A 18 -20.24 -3.63 13.74
C LEU A 18 -21.63 -3.16 14.15
N ILE A 19 -22.56 -4.11 14.22
CA ILE A 19 -23.94 -3.82 14.59
C ILE A 19 -24.01 -3.22 15.98
N GLU A 20 -23.24 -3.78 16.91
CA GLU A 20 -23.19 -3.29 18.27
C GLU A 20 -22.69 -1.84 18.31
N ARG A 21 -21.83 -1.47 17.37
CA ARG A 21 -21.31 -0.12 17.31
C ARG A 21 -22.29 0.82 16.60
N GLY A 22 -23.40 0.27 16.14
CA GLY A 22 -24.42 1.08 15.48
C GLY A 22 -24.43 1.10 13.97
N VAL A 23 -23.72 0.18 13.34
CA VAL A 23 -23.67 0.13 11.88
C VAL A 23 -24.35 -1.12 11.34
N GLU A 24 -25.43 -0.91 10.58
CA GLU A 24 -26.17 -2.02 10.00
C GLU A 24 -25.72 -2.20 8.55
N ILE A 25 -25.93 -3.40 8.01
CA ILE A 25 -25.55 -3.69 6.62
C ILE A 25 -26.13 -2.66 5.66
N ASP A 26 -27.41 -2.33 5.84
CA ASP A 26 -28.08 -1.36 4.98
C ASP A 26 -27.44 0.03 5.02
N ASP A 27 -26.85 0.39 6.15
CA ASP A 27 -26.21 1.71 6.25
C ASP A 27 -25.01 1.74 5.32
N ILE A 28 -24.28 0.62 5.26
CA ILE A 28 -23.11 0.54 4.40
C ILE A 28 -23.56 0.45 2.94
N ALA A 29 -24.63 -0.31 2.69
CA ALA A 29 -25.17 -0.48 1.35
C ALA A 29 -25.56 0.87 0.74
N GLU A 30 -26.12 1.74 1.57
CA GLU A 30 -26.52 3.08 1.13
C GLU A 30 -25.32 3.87 0.63
N LEU A 31 -24.16 3.61 1.24
CA LEU A 31 -22.92 4.28 0.85
C LEU A 31 -22.47 3.77 -0.51
N VAL A 32 -22.61 2.47 -0.73
CA VAL A 32 -22.23 1.88 -2.00
C VAL A 32 -23.13 2.49 -3.09
N LEU A 33 -24.41 2.66 -2.76
CA LEU A 33 -25.37 3.24 -3.69
C LEU A 33 -24.92 4.66 -4.03
N PHE A 34 -24.53 5.40 -2.99
CA PHE A 34 -24.07 6.78 -3.13
C PHE A 34 -22.85 6.87 -4.06
N LEU A 35 -21.97 5.88 -3.96
CA LEU A 35 -20.76 5.83 -4.77
C LEU A 35 -20.93 5.40 -6.21
N GLN A 36 -21.88 4.49 -6.47
CA GLN A 36 -22.06 3.96 -7.81
C GLN A 36 -23.32 4.35 -8.60
N GLN A 37 -24.30 4.95 -7.94
CA GLN A 37 -25.55 5.32 -8.59
C GLN A 37 -25.39 6.21 -9.82
N LYS A 38 -24.45 7.14 -9.77
CA LYS A 38 -24.22 8.07 -10.87
C LYS A 38 -23.66 7.38 -12.12
N TYR A 39 -22.97 6.26 -11.91
CA TYR A 39 -22.35 5.53 -13.01
C TYR A 39 -23.22 4.37 -13.50
N HIS A 40 -24.26 4.05 -12.74
CA HIS A 40 -25.16 2.97 -13.11
C HIS A 40 -26.58 3.41 -12.78
N PRO A 41 -27.18 4.25 -13.64
CA PRO A 41 -28.54 4.71 -13.37
C PRO A 41 -29.50 3.55 -13.14
N GLY A 42 -30.42 3.73 -12.19
CA GLY A 42 -31.37 2.67 -11.89
C GLY A 42 -30.86 1.71 -10.83
N LEU A 43 -29.59 1.84 -10.45
CA LEU A 43 -28.99 0.98 -9.43
C LEU A 43 -29.83 1.04 -8.16
N GLU A 44 -30.14 -0.13 -7.60
CA GLU A 44 -30.93 -0.21 -6.38
C GLU A 44 -30.13 -0.76 -5.21
N LEU A 45 -30.68 -0.61 -4.02
CA LEU A 45 -30.01 -1.03 -2.78
C LEU A 45 -29.68 -2.51 -2.66
N ASP A 46 -30.56 -3.38 -3.14
CA ASP A 46 -30.32 -4.82 -3.01
C ASP A 46 -28.98 -5.33 -3.50
N ILE A 47 -28.60 -5.01 -4.73
CA ILE A 47 -27.33 -5.48 -5.25
C ILE A 47 -26.17 -4.85 -4.47
N CYS A 48 -26.38 -3.65 -3.95
CA CYS A 48 -25.34 -2.99 -3.15
C CYS A 48 -25.18 -3.78 -1.86
N ARG A 49 -26.31 -4.20 -1.30
CA ARG A 49 -26.32 -4.98 -0.06
C ARG A 49 -25.55 -6.29 -0.25
N GLN A 50 -25.79 -6.98 -1.36
CA GLN A 50 -25.13 -8.24 -1.67
C GLN A 50 -23.61 -8.09 -1.75
N ASN A 51 -23.15 -7.00 -2.34
CA ASN A 51 -21.72 -6.78 -2.45
C ASN A 51 -21.10 -6.48 -1.09
N VAL A 52 -21.86 -5.82 -0.21
CA VAL A 52 -21.36 -5.52 1.12
C VAL A 52 -21.19 -6.86 1.85
N GLU A 53 -22.17 -7.73 1.71
CA GLU A 53 -22.13 -9.05 2.34
C GLU A 53 -20.88 -9.81 1.90
N HIS A 54 -20.58 -9.76 0.60
CA HIS A 54 -19.42 -10.45 0.06
C HIS A 54 -18.11 -9.94 0.65
N VAL A 55 -18.03 -8.63 0.86
CA VAL A 55 -16.82 -8.04 1.44
C VAL A 55 -16.64 -8.52 2.88
N LEU A 56 -17.72 -8.52 3.66
CA LEU A 56 -17.64 -8.95 5.05
C LEU A 56 -17.29 -10.43 5.22
N ARG A 57 -17.36 -11.21 4.14
CA ARG A 57 -17.01 -12.63 4.23
C ARG A 57 -15.50 -12.83 4.08
N LYS A 58 -14.80 -11.75 3.75
CA LYS A 58 -13.35 -11.82 3.57
C LYS A 58 -12.62 -11.80 4.91
N ARG A 59 -11.77 -12.78 5.12
CA ARG A 59 -11.00 -12.88 6.36
C ARG A 59 -10.17 -11.60 6.58
N GLU A 60 -9.57 -11.09 5.52
CA GLU A 60 -8.75 -9.88 5.59
C GLU A 60 -9.57 -8.72 6.17
N VAL A 61 -10.82 -8.62 5.75
CA VAL A 61 -11.71 -7.56 6.21
C VAL A 61 -12.08 -7.80 7.67
N GLN A 62 -12.40 -9.03 8.02
CA GLN A 62 -12.78 -9.34 9.39
C GLN A 62 -11.68 -9.00 10.38
N ASN A 63 -10.44 -9.31 10.02
CA ASN A 63 -9.30 -9.01 10.90
C ASN A 63 -9.19 -7.52 11.16
N ALA A 64 -9.39 -6.72 10.11
CA ALA A 64 -9.29 -5.27 10.25
C ALA A 64 -10.46 -4.71 11.07
N VAL A 65 -11.66 -5.24 10.85
CA VAL A 65 -12.83 -4.79 11.59
C VAL A 65 -12.63 -4.99 13.10
N LEU A 66 -12.18 -6.19 13.49
CA LEU A 66 -11.96 -6.49 14.90
C LEU A 66 -10.85 -5.65 15.52
N THR A 67 -9.73 -5.55 14.81
CA THR A 67 -8.61 -4.78 15.34
C THR A 67 -8.97 -3.31 15.53
N GLY A 68 -9.59 -2.71 14.52
CA GLY A 68 -9.96 -1.31 14.59
C GLY A 68 -10.99 -0.98 15.66
N ILE A 69 -12.09 -1.72 15.69
CA ILE A 69 -13.14 -1.45 16.69
C ILE A 69 -12.59 -1.67 18.09
N GLN A 70 -11.73 -2.68 18.24
CA GLN A 70 -11.12 -2.98 19.54
C GLN A 70 -10.40 -1.75 20.08
N LEU A 71 -9.66 -1.07 19.20
CA LEU A 71 -8.92 0.12 19.60
C LEU A 71 -9.85 1.27 19.96
N ASP A 72 -10.93 1.46 19.18
CA ASP A 72 -11.90 2.53 19.49
C ASP A 72 -12.50 2.34 20.87
N VAL A 73 -12.92 1.12 21.14
CA VAL A 73 -13.55 0.73 22.41
C VAL A 73 -12.61 0.93 23.58
N ALA A 75 -10.22 3.04 23.67
CA ALA A 75 -10.06 4.47 23.79
C ALA A 75 -11.23 5.08 24.58
N GLU A 76 -12.43 4.57 24.32
CA GLU A 76 -13.63 5.06 25.01
C GLU A 76 -13.54 4.74 26.50
N LYS A 77 -12.97 3.60 26.82
CA LYS A 77 -12.84 3.15 28.21
C LYS A 77 -11.62 3.75 28.91
N GLY A 78 -10.79 4.48 28.18
CA GLY A 78 -9.61 5.07 28.78
C GLY A 78 -8.59 4.03 29.21
N GLU A 79 -8.50 2.94 28.46
CA GLU A 79 -7.57 1.85 28.75
C GLU A 79 -6.22 1.96 28.06
N LEU A 80 -6.12 2.84 27.06
CA LEU A 80 -4.87 2.99 26.33
C LEU A 80 -3.81 3.78 27.08
N VAL A 81 -2.55 3.48 26.80
CA VAL A 81 -1.44 4.20 27.41
C VAL A 81 -1.40 5.58 26.75
N GLN A 82 -0.88 6.56 27.46
CA GLN A 82 -0.76 7.90 26.90
C GLN A 82 0.57 7.92 26.14
N PRO A 83 0.67 8.71 25.08
CA PRO A 83 -0.34 9.61 24.52
C PRO A 83 -1.28 8.96 23.49
N LEU A 84 -1.14 7.65 23.28
CA LEU A 84 -2.01 6.96 22.32
C LEU A 84 -3.46 7.15 22.71
N GLN A 85 -3.73 7.15 24.01
CA GLN A 85 -5.08 7.33 24.52
C GLN A 85 -5.67 8.65 24.05
N ASN A 86 -4.94 9.75 24.22
CA ASN A 86 -5.43 11.06 23.78
C ASN A 86 -5.48 11.15 22.25
N ILE A 87 -4.48 10.59 21.60
CA ILE A 87 -4.39 10.64 20.14
C ILE A 87 -5.59 9.98 19.46
N ILE A 88 -5.92 8.76 19.88
CA ILE A 88 -7.04 8.03 19.30
C ILE A 88 -8.40 8.59 19.72
N SER A 89 -8.57 8.90 21.00
CA SER A 89 -9.87 9.42 21.44
C SER A 89 -10.18 10.79 20.84
N ALA A 90 -9.14 11.56 20.52
CA ALA A 90 -9.33 12.90 19.95
C ALA A 90 -9.30 12.89 18.43
N ASP A 91 -9.15 11.70 17.85
CA ASP A 91 -9.10 11.56 16.39
C ASP A 91 -8.11 12.55 15.78
N GLU A 92 -6.90 12.61 16.35
CA GLU A 92 -5.83 13.50 15.90
C GLU A 92 -5.64 13.45 14.39
N GLY A 93 -5.62 14.63 13.76
CA GLY A 93 -5.45 14.70 12.33
C GLY A 93 -4.18 14.09 11.76
N LEU A 94 -3.10 14.11 12.54
CA LEU A 94 -1.84 13.55 12.03
C LEU A 94 -1.64 12.07 12.36
N TYR A 95 -2.64 11.44 12.97
CA TYR A 95 -2.57 10.02 13.28
C TYR A 95 -3.22 9.32 12.08
N GLY A 96 -2.43 8.55 11.36
CA GLY A 96 -2.97 7.88 10.18
C GLY A 96 -3.03 6.37 10.22
N VAL A 97 -2.94 5.78 11.41
CA VAL A 97 -2.98 4.33 11.51
C VAL A 97 -4.37 3.81 11.17
N ASP A 98 -5.41 4.60 11.46
CA ASP A 98 -6.77 4.18 11.15
C ASP A 98 -6.99 4.13 9.63
N GLU A 99 -6.37 5.04 8.90
CA GLU A 99 -6.49 5.06 7.44
C GLU A 99 -5.69 3.89 6.83
N ILE A 100 -4.60 3.52 7.48
CA ILE A 100 -3.75 2.41 7.01
C ILE A 100 -4.50 1.09 7.13
N LEU A 101 -5.08 0.85 8.30
CA LEU A 101 -5.82 -0.38 8.54
C LEU A 101 -6.98 -0.52 7.56
N ALA A 102 -7.72 0.58 7.35
CA ALA A 102 -8.85 0.57 6.43
C ALA A 102 -8.46 0.34 4.98
N LEU A 103 -7.27 0.79 4.59
CA LEU A 103 -6.85 0.59 3.21
C LEU A 103 -6.72 -0.91 2.93
N SER A 104 -6.44 -1.70 3.96
CA SER A 104 -6.30 -3.14 3.78
C SER A 104 -7.65 -3.76 3.41
N ILE A 105 -8.74 -3.09 3.82
CA ILE A 105 -10.08 -3.55 3.49
C ILE A 105 -10.33 -3.22 2.03
N VAL A 106 -9.99 -1.99 1.64
CA VAL A 106 -10.16 -1.57 0.26
C VAL A 106 -9.39 -2.48 -0.69
N ASN A 107 -8.16 -2.78 -0.33
CA ASN A 107 -7.29 -3.61 -1.17
C ASN A 107 -7.81 -4.99 -1.53
N VAL A 108 -8.75 -5.52 -0.75
CA VAL A 108 -9.29 -6.83 -1.05
C VAL A 108 -9.88 -6.88 -2.45
N TYR A 109 -10.29 -5.71 -2.96
CA TYR A 109 -10.84 -5.65 -4.31
C TYR A 109 -10.03 -4.73 -5.23
N GLY A 110 -8.78 -4.48 -4.86
CA GLY A 110 -7.91 -3.68 -5.70
C GLY A 110 -7.89 -2.16 -5.61
N SER A 111 -6.92 -1.59 -6.31
CA SER A 111 -6.69 -0.15 -6.33
C SER A 111 -7.83 0.69 -6.90
N ILE A 112 -8.72 0.10 -7.68
CA ILE A 112 -9.80 0.90 -8.24
C ILE A 112 -10.77 1.39 -7.16
N GLY A 113 -10.57 0.92 -5.93
CA GLY A 113 -11.43 1.37 -4.85
C GLY A 113 -10.81 2.51 -4.06
N PHE A 114 -9.53 2.80 -4.33
CA PHE A 114 -8.78 3.86 -3.64
C PHE A 114 -9.46 5.23 -3.62
N THR A 115 -9.83 5.74 -4.79
CA THR A 115 -10.45 7.06 -4.83
C THR A 115 -11.81 7.15 -4.12
N ASN A 116 -12.62 6.10 -4.20
CA ASN A 116 -13.92 6.13 -3.53
C ASN A 116 -13.73 6.14 -2.01
N TYR A 117 -12.67 5.50 -1.55
CA TYR A 117 -12.36 5.45 -0.12
C TYR A 117 -12.07 6.87 0.38
N GLY A 118 -11.19 7.58 -0.32
CA GLY A 118 -10.85 8.93 0.08
C GLY A 118 -12.02 9.88 -0.05
N TYR A 119 -12.72 9.81 -1.19
CA TYR A 119 -13.86 10.68 -1.45
C TYR A 119 -14.96 10.56 -0.41
N ILE A 120 -15.34 9.33 -0.08
CA ILE A 120 -16.43 9.14 0.87
C ILE A 120 -16.02 9.58 2.28
N ASP A 121 -14.73 9.47 2.59
CA ASP A 121 -14.25 9.89 3.90
C ASP A 121 -14.38 11.40 4.06
N LYS A 122 -14.28 12.14 2.97
CA LYS A 122 -14.40 13.60 3.02
C LYS A 122 -15.85 14.05 3.08
N VAL A 123 -16.69 13.46 2.25
CA VAL A 123 -18.10 13.81 2.17
C VAL A 123 -18.92 13.29 3.35
N LYS A 124 -18.53 12.15 3.89
CA LYS A 124 -19.20 11.55 5.02
C LYS A 124 -20.72 11.53 4.94
N PRO A 125 -21.28 10.90 3.89
CA PRO A 125 -22.73 10.85 3.79
C PRO A 125 -23.34 9.79 4.70
N GLY A 126 -24.66 9.85 4.87
CA GLY A 126 -25.35 8.87 5.69
C GLY A 126 -24.74 8.52 7.05
N ILE A 127 -24.60 7.22 7.29
CA ILE A 127 -24.05 6.72 8.55
C ILE A 127 -22.70 7.31 8.93
N LEU A 128 -21.90 7.69 7.94
CA LEU A 128 -20.60 8.25 8.24
C LEU A 128 -20.72 9.57 9.00
N ALA A 129 -21.84 10.26 8.82
CA ALA A 129 -22.05 11.52 9.53
C ALA A 129 -22.30 11.23 11.02
N LYS A 130 -23.01 10.14 11.29
CA LYS A 130 -23.31 9.76 12.66
C LYS A 130 -22.07 9.28 13.42
N LEU A 131 -21.08 8.79 12.70
CA LEU A 131 -19.84 8.32 13.32
C LEU A 131 -18.85 9.47 13.48
N ASN A 132 -19.19 10.63 12.95
CA ASN A 132 -18.32 11.80 12.98
C ASN A 132 -18.83 12.92 13.90
N GLU A 133 -19.48 12.57 14.99
CA GLU A 133 -20.01 13.57 15.90
C GLU A 133 -18.98 14.09 16.92
N HIS A 134 -18.06 13.23 17.36
CA HIS A 134 -17.05 13.63 18.33
C HIS A 134 -17.67 14.26 19.58
N ASP A 135 -18.65 13.58 20.16
CA ASP A 135 -19.33 14.10 21.34
C ASP A 135 -18.45 14.09 22.59
N GLY A 136 -17.24 13.54 22.46
CA GLY A 136 -16.34 13.49 23.59
C GLY A 136 -16.41 12.21 24.41
N ILE A 137 -17.42 11.39 24.16
CA ILE A 137 -17.56 10.12 24.88
C ILE A 137 -17.40 8.93 23.93
N ALA A 138 -18.03 9.01 22.77
CA ALA A 138 -17.93 7.95 21.78
C ALA A 138 -16.71 8.16 20.90
N VAL A 139 -16.01 7.06 20.59
CA VAL A 139 -14.82 7.13 19.76
C VAL A 139 -15.03 6.22 18.55
N HIS A 140 -14.87 6.78 17.35
CA HIS A 140 -15.05 6.03 16.12
C HIS A 140 -13.89 6.30 15.16
N THR A 141 -12.73 6.58 15.74
CA THR A 141 -11.53 6.89 15.00
C THR A 141 -11.20 5.82 13.96
N PHE A 142 -11.35 4.55 14.34
CA PHE A 142 -11.07 3.46 13.41
C PHE A 142 -12.31 3.02 12.63
N LEU A 143 -13.46 3.05 13.28
CA LEU A 143 -14.69 2.63 12.64
C LEU A 143 -15.12 3.46 11.44
N ASP A 144 -14.89 4.78 11.48
CA ASP A 144 -15.30 5.58 10.32
C ASP A 144 -14.56 5.15 9.07
N ASP A 145 -13.26 4.89 9.18
CA ASP A 145 -12.45 4.44 8.05
C ASP A 145 -12.90 3.06 7.61
N ILE A 146 -13.17 2.19 8.58
CA ILE A 146 -13.60 0.83 8.29
C ILE A 146 -14.88 0.81 7.46
N VAL A 147 -15.87 1.60 7.86
CA VAL A 147 -17.13 1.66 7.15
C VAL A 147 -16.95 2.23 5.75
N GLY A 148 -16.19 3.32 5.64
CA GLY A 148 -15.94 3.90 4.34
C GLY A 148 -15.22 2.91 3.43
N ALA A 149 -14.27 2.17 4.00
CA ALA A 149 -13.50 1.19 3.24
C ALA A 149 -14.34 0.01 2.77
N ILE A 150 -15.25 -0.46 3.63
CA ILE A 150 -16.11 -1.58 3.26
C ILE A 150 -16.99 -1.13 2.09
N ALA A 151 -17.47 0.12 2.15
CA ALA A 151 -18.30 0.66 1.08
C ALA A 151 -17.52 0.74 -0.23
N ALA A 152 -16.30 1.25 -0.16
CA ALA A 152 -15.44 1.39 -1.34
C ALA A 152 -15.09 0.03 -1.91
N ALA A 153 -14.80 -0.94 -1.04
CA ALA A 153 -14.46 -2.28 -1.51
C ALA A 153 -15.68 -2.89 -2.20
N ALA A 154 -16.85 -2.71 -1.59
CA ALA A 154 -18.09 -3.24 -2.15
C ALA A 154 -18.38 -2.57 -3.48
N ALA A 155 -18.12 -1.28 -3.59
CA ALA A 155 -18.34 -0.54 -4.84
C ALA A 155 -17.42 -1.09 -5.93
N SER A 156 -16.20 -1.48 -5.53
CA SER A 156 -15.23 -2.01 -6.47
C SER A 156 -15.67 -3.40 -6.96
N ARG A 157 -16.15 -4.23 -6.04
CA ARG A 157 -16.61 -5.55 -6.44
C ARG A 157 -17.76 -5.39 -7.45
N LEU A 158 -18.63 -4.44 -7.18
CA LEU A 158 -19.77 -4.16 -8.05
C LEU A 158 -19.26 -3.75 -9.43
N ALA A 159 -18.29 -2.85 -9.47
CA ALA A 159 -17.73 -2.39 -10.75
C ALA A 159 -17.23 -3.59 -11.56
N HIS A 160 -16.54 -4.50 -10.89
CA HIS A 160 -16.03 -5.70 -11.57
C HIS A 160 -17.16 -6.62 -12.02
N SER A 161 -18.31 -6.52 -11.34
CA SER A 161 -19.46 -7.36 -11.67
C SER A 161 -20.02 -7.12 -13.07
N TYR A 162 -19.45 -6.17 -13.80
CA TYR A 162 -19.93 -5.86 -15.15
C TYR A 162 -18.96 -6.31 -16.24
N HIS A 163 -17.83 -6.86 -15.83
CA HIS A 163 -16.81 -7.35 -16.76
C HIS A 163 -16.31 -8.72 -16.35
N ASP A 164 -16.30 -8.95 -15.05
CA ASP A 164 -15.84 -10.21 -14.48
C ASP A 164 -17.00 -10.89 -13.76
N LYS B 6 23.28 20.81 -10.19
CA LYS B 6 22.12 20.96 -9.26
C LYS B 6 21.10 19.84 -9.49
N GLN B 7 20.00 20.17 -10.17
CA GLN B 7 18.96 19.19 -10.45
C GLN B 7 19.43 18.02 -11.30
N SER B 8 19.04 16.81 -10.89
CA SER B 8 19.40 15.61 -11.63
C SER B 8 18.57 15.56 -12.90
N ALA B 9 18.96 14.69 -13.83
CA ALA B 9 18.22 14.56 -15.09
C ALA B 9 16.82 14.09 -14.73
N LEU B 10 16.74 13.19 -13.76
CA LEU B 10 15.46 12.65 -13.29
C LEU B 10 14.52 13.77 -12.85
N GLU B 11 14.98 14.63 -11.95
CA GLU B 11 14.14 15.73 -11.46
C GLU B 11 13.81 16.73 -12.55
N SER B 12 14.80 17.05 -13.39
CA SER B 12 14.61 18.00 -14.47
C SER B 12 13.54 17.53 -15.45
N LYS B 13 13.66 16.29 -15.92
CA LYS B 13 12.72 15.75 -16.87
C LYS B 13 11.30 15.64 -16.30
N ALA B 14 11.18 15.23 -15.04
CA ALA B 14 9.87 15.12 -14.41
C ALA B 14 9.19 16.49 -14.38
N ARG B 15 9.94 17.52 -13.98
CA ARG B 15 9.39 18.85 -13.91
C ARG B 15 9.01 19.36 -15.30
N SER B 16 9.91 19.17 -16.25
CA SER B 16 9.65 19.64 -17.61
C SER B 16 8.54 18.88 -18.33
N TRP B 17 8.41 17.59 -18.06
CA TRP B 17 7.38 16.82 -18.75
C TRP B 17 5.99 17.20 -18.24
N LEU B 18 5.88 17.47 -16.93
CA LEU B 18 4.61 17.89 -16.35
C LEU B 18 4.13 19.13 -17.09
N ILE B 19 5.01 20.11 -17.20
CA ILE B 19 4.70 21.36 -17.87
C ILE B 19 4.35 21.12 -19.33
N GLU B 20 5.15 20.30 -20.00
CA GLU B 20 4.92 19.99 -21.41
C GLU B 20 3.56 19.32 -21.63
N ARG B 21 3.11 18.54 -20.64
CA ARG B 21 1.82 17.85 -20.72
C ARG B 21 0.65 18.78 -20.40
N GLY B 22 0.96 20.02 -20.04
CA GLY B 22 -0.07 20.99 -19.74
C GLY B 22 -0.34 21.30 -18.29
N VAL B 23 0.59 20.92 -17.40
CA VAL B 23 0.42 21.16 -15.97
C VAL B 23 1.51 22.04 -15.37
N GLU B 24 1.13 23.25 -14.95
CA GLU B 24 2.07 24.19 -14.35
C GLU B 24 2.07 24.00 -12.84
N ILE B 25 3.16 24.39 -12.17
CA ILE B 25 3.23 24.27 -10.72
C ILE B 25 2.02 24.93 -10.06
N ASP B 26 1.65 26.12 -10.56
CA ASP B 26 0.51 26.85 -10.02
C ASP B 26 -0.80 26.07 -10.13
N ASP B 27 -0.95 25.27 -11.17
CA ASP B 27 -2.18 24.49 -11.33
C ASP B 27 -2.32 23.52 -10.16
N ILE B 28 -1.21 22.93 -9.75
CA ILE B 28 -1.20 21.99 -8.64
C ILE B 28 -1.36 22.74 -7.31
N ALA B 29 -0.68 23.88 -7.19
CA ALA B 29 -0.76 24.67 -5.97
C ALA B 29 -2.19 25.14 -5.69
N GLU B 30 -2.96 25.40 -6.75
CA GLU B 30 -4.33 25.82 -6.53
C GLU B 30 -5.20 24.68 -6.01
N LEU B 31 -4.79 23.45 -6.28
CA LEU B 31 -5.54 22.30 -5.78
C LEU B 31 -5.27 22.21 -4.28
N VAL B 32 -4.03 22.47 -3.89
CA VAL B 32 -3.67 22.44 -2.49
C VAL B 32 -4.45 23.53 -1.75
N LEU B 33 -4.47 24.72 -2.33
CA LEU B 33 -5.20 25.84 -1.74
C LEU B 33 -6.67 25.43 -1.54
N PHE B 34 -7.20 24.72 -2.53
CA PHE B 34 -8.58 24.23 -2.52
C PHE B 34 -8.84 23.23 -1.38
N LEU B 35 -7.86 22.40 -1.07
CA LEU B 35 -8.00 21.39 -0.03
C LEU B 35 -7.80 21.87 1.40
N GLN B 36 -7.02 22.92 1.58
CA GLN B 36 -6.74 23.41 2.93
C GLN B 36 -7.39 24.76 3.30
N GLN B 37 -8.28 25.25 2.46
CA GLN B 37 -8.97 26.51 2.70
C GLN B 37 -9.77 26.56 4.00
N LYS B 38 -10.66 25.58 4.18
CA LYS B 38 -11.49 25.52 5.37
C LYS B 38 -10.73 25.47 6.68
N TYR B 39 -9.55 24.87 6.66
CA TYR B 39 -8.73 24.76 7.88
C TYR B 39 -7.83 25.97 8.13
N HIS B 40 -7.45 26.67 7.06
CA HIS B 40 -6.57 27.84 7.18
C HIS B 40 -6.90 28.93 6.17
N PRO B 41 -7.88 29.79 6.50
CA PRO B 41 -8.31 30.90 5.64
C PRO B 41 -7.18 31.76 5.11
N GLY B 42 -6.19 32.03 5.97
CA GLY B 42 -5.08 32.86 5.57
C GLY B 42 -4.09 32.20 4.61
N LEU B 43 -4.26 30.91 4.37
CA LEU B 43 -3.37 30.19 3.47
C LEU B 43 -3.35 30.81 2.08
N GLU B 44 -2.17 31.24 1.63
CA GLU B 44 -2.03 31.83 0.31
C GLU B 44 -1.36 30.86 -0.66
N LEU B 45 -1.51 31.13 -1.96
CA LEU B 45 -0.96 30.28 -3.01
C LEU B 45 0.56 30.10 -2.91
N ASP B 46 1.24 31.13 -2.41
CA ASP B 46 2.68 31.10 -2.27
C ASP B 46 3.18 29.91 -1.45
N ILE B 47 2.59 29.72 -0.27
CA ILE B 47 2.97 28.62 0.59
C ILE B 47 2.59 27.29 -0.07
N CYS B 48 1.49 27.30 -0.81
CA CYS B 48 1.03 26.10 -1.51
C CYS B 48 2.06 25.69 -2.55
N ARG B 49 2.47 26.64 -3.38
CA ARG B 49 3.45 26.37 -4.42
C ARG B 49 4.71 25.77 -3.81
N GLN B 50 5.14 26.32 -2.67
CA GLN B 50 6.33 25.85 -1.98
C GLN B 50 6.24 24.38 -1.58
N ASN B 51 5.09 23.95 -1.09
CA ASN B 51 4.94 22.56 -0.70
C ASN B 51 4.90 21.65 -1.92
N VAL B 52 4.34 22.14 -3.03
CA VAL B 52 4.31 21.36 -4.27
C VAL B 52 5.76 21.15 -4.72
N GLU B 53 6.55 22.21 -4.63
CA GLU B 53 7.96 22.16 -5.01
C GLU B 53 8.69 21.08 -4.21
N HIS B 54 8.48 21.07 -2.90
CA HIS B 54 9.12 20.08 -2.04
C HIS B 54 8.75 18.65 -2.45
N VAL B 55 7.47 18.44 -2.77
CA VAL B 55 7.02 17.11 -3.19
C VAL B 55 7.72 16.68 -4.48
N LEU B 56 7.86 17.62 -5.41
CA LEU B 56 8.50 17.33 -6.70
C LEU B 56 10.00 17.05 -6.60
N ARG B 57 10.60 17.38 -5.46
CA ARG B 57 12.02 17.15 -5.26
C ARG B 57 12.27 15.71 -4.80
N LYS B 58 11.21 14.97 -4.52
CA LYS B 58 11.35 13.59 -4.05
C LYS B 58 11.58 12.59 -5.18
N ARG B 59 12.64 11.79 -5.05
CA ARG B 59 12.97 10.79 -6.06
C ARG B 59 11.79 9.86 -6.34
N GLU B 60 11.14 9.40 -5.27
CA GLU B 60 9.99 8.52 -5.38
C GLU B 60 8.94 9.16 -6.29
N VAL B 61 8.68 10.44 -6.07
CA VAL B 61 7.70 11.17 -6.87
C VAL B 61 8.14 11.30 -8.32
N GLN B 62 9.40 11.67 -8.53
CA GLN B 62 9.94 11.81 -9.87
C GLN B 62 9.86 10.51 -10.66
N ASN B 63 10.18 9.38 -10.03
CA ASN B 63 10.10 8.10 -10.72
C ASN B 63 8.67 7.83 -11.20
N ALA B 64 7.69 8.09 -10.33
CA ALA B 64 6.30 7.88 -10.66
C ALA B 64 5.84 8.81 -11.79
N VAL B 65 6.27 10.08 -11.72
CA VAL B 65 5.89 11.05 -12.75
C VAL B 65 6.36 10.61 -14.13
N LEU B 66 7.64 10.26 -14.26
CA LEU B 66 8.17 9.82 -15.56
C LEU B 66 7.52 8.55 -16.07
N THR B 67 7.37 7.56 -15.20
CA THR B 67 6.79 6.29 -15.62
C THR B 67 5.35 6.46 -16.09
N GLY B 68 4.57 7.21 -15.32
CA GLY B 68 3.18 7.42 -15.66
C GLY B 68 2.99 8.22 -16.93
N ILE B 69 3.69 9.33 -17.04
CA ILE B 69 3.57 10.15 -18.26
C ILE B 69 4.03 9.35 -19.47
N GLN B 70 5.11 8.58 -19.30
CA GLN B 70 5.63 7.77 -20.41
C GLN B 70 4.55 6.88 -20.99
N LEU B 71 3.79 6.21 -20.14
CA LEU B 71 2.72 5.33 -20.58
C LEU B 71 1.58 6.08 -21.29
N ASP B 72 1.23 7.26 -20.76
CA ASP B 72 0.18 8.09 -21.36
C ASP B 72 0.60 8.47 -22.78
N VAL B 73 1.85 8.94 -22.88
CA VAL B 73 2.41 9.36 -24.16
C VAL B 73 2.49 8.23 -25.18
N ALA B 75 0.58 5.66 -25.25
CA ALA B 75 -0.81 5.34 -25.57
C ALA B 75 -1.30 6.36 -26.60
N GLU B 76 -0.96 7.61 -26.34
CA GLU B 76 -1.34 8.71 -27.23
C GLU B 76 -0.78 8.48 -28.64
N LYS B 77 0.38 7.84 -28.70
CA LYS B 77 1.02 7.55 -29.98
C LYS B 77 0.67 6.20 -30.58
N GLY B 78 -0.16 5.41 -29.89
CA GLY B 78 -0.55 4.11 -30.39
C GLY B 78 0.62 3.14 -30.46
N GLU B 79 1.56 3.31 -29.53
CA GLU B 79 2.76 2.49 -29.46
C GLU B 79 2.67 1.28 -28.54
N LEU B 80 1.62 1.20 -27.73
CA LEU B 80 1.50 0.07 -26.81
C LEU B 80 0.91 -1.16 -27.48
N VAL B 81 1.23 -2.34 -26.93
CA VAL B 81 0.68 -3.58 -27.47
C VAL B 81 -0.77 -3.66 -27.04
N GLN B 82 -1.58 -4.36 -27.82
CA GLN B 82 -2.97 -4.55 -27.48
C GLN B 82 -3.00 -5.73 -26.52
N PRO B 83 -3.96 -5.75 -25.58
CA PRO B 83 -4.99 -4.73 -25.36
C PRO B 83 -4.59 -3.55 -24.48
N LEU B 84 -3.36 -3.55 -23.98
CA LEU B 84 -2.92 -2.46 -23.11
C LEU B 84 -3.17 -1.10 -23.78
N GLN B 85 -2.92 -1.04 -25.08
CA GLN B 85 -3.13 0.18 -25.86
C GLN B 85 -4.55 0.73 -25.66
N ASN B 86 -5.55 -0.10 -25.91
CA ASN B 86 -6.94 0.30 -25.77
C ASN B 86 -7.30 0.61 -24.32
N ILE B 87 -6.76 -0.21 -23.41
CA ILE B 87 -7.03 -0.04 -21.99
C ILE B 87 -6.59 1.32 -21.46
N ILE B 88 -5.34 1.69 -21.72
CA ILE B 88 -4.85 2.97 -21.24
C ILE B 88 -5.44 4.14 -22.01
N SER B 89 -5.50 4.03 -23.34
CA SER B 89 -6.03 5.14 -24.13
C SER B 89 -7.48 5.46 -23.77
N ALA B 90 -8.26 4.45 -23.43
CA ALA B 90 -9.66 4.66 -23.07
C ALA B 90 -9.84 4.95 -21.58
N ASP B 91 -8.75 4.86 -20.81
CA ASP B 91 -8.82 5.10 -19.36
C ASP B 91 -9.86 4.16 -18.75
N GLU B 92 -9.73 2.87 -19.07
CA GLU B 92 -10.65 1.85 -18.59
C GLU B 92 -10.88 1.90 -17.09
N GLY B 93 -12.16 1.83 -16.71
CA GLY B 93 -12.53 1.89 -15.30
C GLY B 93 -11.91 0.82 -14.43
N LEU B 94 -11.72 -0.39 -14.96
CA LEU B 94 -11.16 -1.46 -14.15
C LEU B 94 -9.63 -1.57 -14.19
N TYR B 95 -8.97 -0.62 -14.84
CA TYR B 95 -7.51 -0.60 -14.90
C TYR B 95 -7.07 0.28 -13.74
N GLY B 96 -6.39 -0.31 -12.76
CA GLY B 96 -6.00 0.49 -11.60
C GLY B 96 -4.52 0.74 -11.39
N VAL B 97 -3.71 0.51 -12.42
CA VAL B 97 -2.27 0.72 -12.28
C VAL B 97 -1.96 2.19 -12.11
N ASP B 98 -2.76 3.07 -12.72
CA ASP B 98 -2.50 4.49 -12.57
C ASP B 98 -2.77 4.91 -11.13
N GLU B 99 -3.77 4.30 -10.49
CA GLU B 99 -4.04 4.64 -9.09
C GLU B 99 -2.93 4.09 -8.18
N ILE B 100 -2.36 2.95 -8.56
CA ILE B 100 -1.28 2.34 -7.79
C ILE B 100 -0.06 3.25 -7.81
N LEU B 101 0.28 3.75 -9.00
CA LEU B 101 1.42 4.64 -9.12
C LEU B 101 1.16 5.92 -8.33
N ALA B 102 -0.08 6.40 -8.39
CA ALA B 102 -0.48 7.62 -7.69
C ALA B 102 -0.29 7.51 -6.18
N LEU B 103 -0.70 6.39 -5.61
CA LEU B 103 -0.56 6.19 -4.17
C LEU B 103 0.90 6.25 -3.71
N SER B 104 1.84 5.86 -4.56
CA SER B 104 3.25 5.89 -4.16
C SER B 104 3.71 7.33 -3.95
N ILE B 105 3.05 8.26 -4.63
CA ILE B 105 3.37 9.68 -4.50
C ILE B 105 2.76 10.17 -3.19
N VAL B 106 1.50 9.83 -2.96
CA VAL B 106 0.80 10.23 -1.74
C VAL B 106 1.52 9.72 -0.50
N ASN B 107 2.07 8.52 -0.60
CA ASN B 107 2.79 7.91 0.53
C ASN B 107 4.06 8.61 0.97
N VAL B 108 4.63 9.45 0.12
CA VAL B 108 5.85 10.14 0.53
C VAL B 108 5.58 10.95 1.80
N TYR B 109 4.32 11.30 2.03
CA TYR B 109 3.99 12.06 3.22
C TYR B 109 2.95 11.40 4.13
N GLY B 110 2.78 10.09 3.95
CA GLY B 110 1.87 9.35 4.82
C GLY B 110 0.44 9.11 4.41
N SER B 111 -0.20 8.22 5.16
CA SER B 111 -1.58 7.84 4.91
C SER B 111 -2.60 8.95 5.10
N ILE B 112 -2.22 10.01 5.84
CA ILE B 112 -3.15 11.11 6.07
C ILE B 112 -3.43 11.86 4.76
N GLY B 113 -2.72 11.49 3.70
CA GLY B 113 -2.94 12.12 2.41
C GLY B 113 -3.91 11.31 1.56
N PHE B 114 -4.20 10.07 1.97
CA PHE B 114 -5.12 9.21 1.22
C PHE B 114 -6.46 9.86 0.93
N THR B 115 -7.07 10.43 1.96
CA THR B 115 -8.37 11.07 1.81
C THR B 115 -8.42 12.16 0.75
N ASN B 116 -7.51 13.13 0.84
CA ASN B 116 -7.49 14.22 -0.13
C ASN B 116 -7.23 13.74 -1.55
N TYR B 117 -6.43 12.69 -1.70
CA TYR B 117 -6.16 12.16 -3.03
C TYR B 117 -7.45 11.64 -3.65
N GLY B 118 -8.18 10.81 -2.90
CA GLY B 118 -9.43 10.26 -3.43
C GLY B 118 -10.47 11.33 -3.66
N TYR B 119 -10.59 12.26 -2.70
CA TYR B 119 -11.58 13.32 -2.83
C TYR B 119 -11.33 14.19 -4.06
N ILE B 120 -10.10 14.66 -4.23
CA ILE B 120 -9.78 15.51 -5.36
C ILE B 120 -9.91 14.76 -6.68
N ASP B 121 -9.57 13.47 -6.68
CA ASP B 121 -9.67 12.67 -7.90
C ASP B 121 -11.12 12.48 -8.33
N LYS B 122 -12.04 12.48 -7.37
CA LYS B 122 -13.45 12.29 -7.73
C LYS B 122 -14.11 13.61 -8.14
N VAL B 123 -13.81 14.69 -7.42
CA VAL B 123 -14.38 15.99 -7.71
C VAL B 123 -13.77 16.62 -8.96
N LYS B 124 -12.47 16.40 -9.16
CA LYS B 124 -11.72 16.91 -10.30
C LYS B 124 -11.84 18.40 -10.59
N PRO B 125 -11.54 19.24 -9.60
CA PRO B 125 -11.64 20.68 -9.88
C PRO B 125 -10.40 21.17 -10.62
N GLY B 126 -10.45 22.42 -11.09
CA GLY B 126 -9.33 23.02 -11.77
C GLY B 126 -8.70 22.24 -12.92
N ILE B 127 -7.37 22.11 -12.86
CA ILE B 127 -6.61 21.43 -13.91
C ILE B 127 -7.06 19.98 -14.12
N LEU B 128 -7.52 19.32 -13.06
CA LEU B 128 -7.95 17.94 -13.20
C LEU B 128 -9.14 17.80 -14.14
N ALA B 129 -9.97 18.83 -14.20
CA ALA B 129 -11.13 18.79 -15.09
C ALA B 129 -10.66 18.78 -16.54
N LYS B 130 -9.65 19.61 -16.82
CA LYS B 130 -9.09 19.72 -18.16
C LYS B 130 -8.35 18.46 -18.60
N LEU B 131 -7.88 17.68 -17.63
CA LEU B 131 -7.15 16.45 -17.93
C LEU B 131 -8.07 15.23 -18.04
N ASN B 132 -9.37 15.44 -17.82
CA ASN B 132 -10.33 14.34 -17.87
C ASN B 132 -11.43 14.60 -18.89
N GLU B 133 -11.07 15.22 -20.02
CA GLU B 133 -12.04 15.52 -21.05
C GLU B 133 -12.24 14.35 -22.02
N HIS B 134 -11.24 13.46 -22.07
CA HIS B 134 -11.29 12.29 -22.96
C HIS B 134 -11.78 12.64 -24.36
N ASP B 135 -11.01 13.45 -25.09
CA ASP B 135 -11.39 13.84 -26.44
C ASP B 135 -11.07 12.78 -27.49
N GLY B 136 -10.63 11.61 -27.04
CA GLY B 136 -10.30 10.55 -27.98
C GLY B 136 -8.98 10.77 -28.70
N ILE B 137 -8.23 11.77 -28.25
CA ILE B 137 -6.93 12.05 -28.86
C ILE B 137 -5.87 12.11 -27.77
N ALA B 138 -6.11 12.95 -26.78
CA ALA B 138 -5.18 13.11 -25.67
C ALA B 138 -5.44 12.01 -24.65
N VAL B 139 -4.36 11.54 -24.01
CA VAL B 139 -4.48 10.51 -23.01
C VAL B 139 -3.81 11.00 -21.73
N HIS B 140 -4.56 11.04 -20.64
CA HIS B 140 -4.04 11.51 -19.35
C HIS B 140 -4.42 10.53 -18.25
N THR B 141 -4.52 9.26 -18.64
CA THR B 141 -4.88 8.19 -17.73
C THR B 141 -4.02 8.17 -16.47
N PHE B 142 -2.71 8.31 -16.64
CA PHE B 142 -1.81 8.32 -15.50
C PHE B 142 -1.63 9.72 -14.91
N LEU B 143 -1.56 10.72 -15.79
CA LEU B 143 -1.33 12.08 -15.33
C LEU B 143 -2.38 12.64 -14.36
N ASP B 144 -3.66 12.35 -14.59
CA ASP B 144 -4.66 12.88 -13.68
C ASP B 144 -4.45 12.41 -12.24
N ASP B 145 -4.12 11.13 -12.07
CA ASP B 145 -3.89 10.63 -10.71
C ASP B 145 -2.60 11.20 -10.14
N ILE B 146 -1.59 11.35 -10.99
CA ILE B 146 -0.31 11.90 -10.55
C ILE B 146 -0.49 13.33 -10.02
N VAL B 147 -1.27 14.13 -10.74
CA VAL B 147 -1.50 15.52 -10.33
C VAL B 147 -2.27 15.58 -9.02
N GLY B 148 -3.30 14.76 -8.90
CA GLY B 148 -4.09 14.75 -7.68
C GLY B 148 -3.27 14.26 -6.51
N ALA B 149 -2.39 13.29 -6.77
CA ALA B 149 -1.54 12.73 -5.73
C ALA B 149 -0.48 13.73 -5.27
N ILE B 150 0.05 14.51 -6.20
CA ILE B 150 1.06 15.51 -5.83
C ILE B 150 0.38 16.56 -4.95
N ALA B 151 -0.85 16.93 -5.31
CA ALA B 151 -1.58 17.92 -4.52
C ALA B 151 -1.86 17.37 -3.11
N ALA B 152 -2.31 16.13 -3.04
CA ALA B 152 -2.61 15.50 -1.76
C ALA B 152 -1.35 15.41 -0.89
N ALA B 153 -0.23 15.03 -1.49
CA ALA B 153 1.02 14.94 -0.71
C ALA B 153 1.41 16.33 -0.20
N ALA B 154 1.35 17.33 -1.07
CA ALA B 154 1.70 18.69 -0.68
C ALA B 154 0.81 19.15 0.46
N ALA B 155 -0.47 18.81 0.39
CA ALA B 155 -1.40 19.20 1.45
C ALA B 155 -1.03 18.51 2.76
N SER B 156 -0.61 17.25 2.66
CA SER B 156 -0.22 16.50 3.86
C SER B 156 1.02 17.11 4.51
N ARG B 157 1.99 17.54 3.69
CA ARG B 157 3.21 18.15 4.21
C ARG B 157 2.80 19.43 4.94
N LEU B 158 1.87 20.17 4.35
CA LEU B 158 1.38 21.40 4.93
C LEU B 158 0.71 21.10 6.28
N ALA B 159 -0.06 20.02 6.34
CA ALA B 159 -0.74 19.64 7.57
C ALA B 159 0.29 19.43 8.68
N HIS B 160 1.37 18.72 8.36
CA HIS B 160 2.43 18.46 9.33
C HIS B 160 3.09 19.75 9.79
N SER B 161 3.30 20.68 8.85
CA SER B 161 3.92 21.95 9.18
C SER B 161 3.00 22.77 10.09
N TYR B 162 1.69 22.68 9.84
CA TYR B 162 0.70 23.39 10.64
C TYR B 162 0.48 22.59 11.93
N HIS B 163 1.56 22.30 12.63
CA HIS B 163 1.51 21.55 13.87
C HIS B 163 2.90 21.57 14.47
N ASP B 164 3.90 21.67 13.59
CA ASP B 164 5.30 21.71 13.97
C ASP B 164 5.79 20.35 14.44
N LYS C 6 -13.86 -17.76 -24.13
CA LYS C 6 -13.45 -18.35 -22.82
C LYS C 6 -12.51 -17.43 -22.04
N GLN C 7 -11.50 -16.88 -22.71
CA GLN C 7 -10.55 -15.97 -22.08
C GLN C 7 -10.57 -14.58 -22.70
N SER C 8 -10.53 -13.58 -21.83
CA SER C 8 -10.54 -12.19 -22.28
C SER C 8 -9.24 -11.89 -23.01
N ALA C 9 -9.23 -10.82 -23.79
CA ALA C 9 -8.05 -10.43 -24.54
C ALA C 9 -6.93 -10.13 -23.55
N LEU C 10 -7.30 -9.49 -22.45
CA LEU C 10 -6.34 -9.13 -21.40
C LEU C 10 -5.66 -10.37 -20.81
N GLU C 11 -6.46 -11.35 -20.38
CA GLU C 11 -5.88 -12.55 -19.81
C GLU C 11 -5.00 -13.31 -20.79
N SER C 12 -5.49 -13.47 -22.02
CA SER C 12 -4.73 -14.19 -23.03
C SER C 12 -3.37 -13.54 -23.30
N LYS C 13 -3.35 -12.22 -23.41
CA LYS C 13 -2.09 -11.53 -23.68
C LYS C 13 -1.14 -11.63 -22.49
N ALA C 14 -1.68 -11.50 -21.28
CA ALA C 14 -0.83 -11.60 -20.10
C ALA C 14 -0.19 -12.99 -20.06
N ARG C 15 -0.98 -14.02 -20.30
CA ARG C 15 -0.45 -15.39 -20.30
C ARG C 15 0.59 -15.63 -21.38
N SER C 16 0.33 -15.16 -22.60
CA SER C 16 1.27 -15.37 -23.69
C SER C 16 2.55 -14.54 -23.59
N TRP C 17 2.45 -13.34 -23.03
CA TRP C 17 3.63 -12.48 -22.90
C TRP C 17 4.57 -13.05 -21.85
N LEU C 18 4.01 -13.63 -20.79
CA LEU C 18 4.82 -14.24 -19.76
C LEU C 18 5.67 -15.35 -20.37
N ILE C 19 5.02 -16.21 -21.15
CA ILE C 19 5.71 -17.31 -21.83
C ILE C 19 6.76 -16.76 -22.80
N GLU C 20 6.37 -15.76 -23.57
CA GLU C 20 7.27 -15.15 -24.54
C GLU C 20 8.51 -14.53 -23.89
N ARG C 21 8.36 -14.06 -22.66
CA ARG C 21 9.49 -13.46 -21.96
C ARG C 21 10.38 -14.51 -21.27
N GLY C 22 9.98 -15.77 -21.35
CA GLY C 22 10.77 -16.83 -20.76
C GLY C 22 10.29 -17.42 -19.44
N VAL C 23 9.05 -17.14 -19.06
CA VAL C 23 8.52 -17.66 -17.80
C VAL C 23 7.34 -18.61 -18.02
N GLU C 24 7.52 -19.86 -17.62
CA GLU C 24 6.48 -20.87 -17.76
C GLU C 24 5.74 -20.99 -16.43
N ILE C 25 4.49 -21.45 -16.48
CA ILE C 25 3.70 -21.61 -15.26
C ILE C 25 4.48 -22.44 -14.23
N ASP C 26 5.12 -23.50 -14.70
CA ASP C 26 5.88 -24.36 -13.81
C ASP C 26 7.03 -23.65 -13.12
N ASP C 27 7.63 -22.65 -13.79
CA ASP C 27 8.72 -21.90 -13.17
C ASP C 27 8.20 -21.18 -11.93
N ILE C 28 6.98 -20.67 -12.01
CA ILE C 28 6.37 -19.95 -10.89
C ILE C 28 5.89 -20.94 -9.85
N ALA C 29 5.35 -22.06 -10.31
CA ALA C 29 4.85 -23.09 -9.40
C ALA C 29 5.98 -23.60 -8.49
N GLU C 30 7.19 -23.72 -9.05
CA GLU C 30 8.33 -24.19 -8.27
C GLU C 30 8.69 -23.23 -7.14
N LEU C 31 8.49 -21.94 -7.38
CA LEU C 31 8.77 -20.94 -6.36
C LEU C 31 7.80 -21.11 -5.19
N VAL C 32 6.55 -21.41 -5.51
CA VAL C 32 5.53 -21.62 -4.49
C VAL C 32 5.91 -22.83 -3.65
N LEU C 33 6.33 -23.91 -4.31
CA LEU C 33 6.74 -25.12 -3.60
C LEU C 33 7.87 -24.81 -2.63
N PHE C 34 8.81 -23.98 -3.08
CA PHE C 34 9.96 -23.56 -2.30
C PHE C 34 9.55 -22.76 -1.06
N LEU C 35 8.45 -22.03 -1.17
CA LEU C 35 7.96 -21.21 -0.07
C LEU C 35 7.09 -21.94 0.93
N GLN C 36 6.33 -22.92 0.46
CA GLN C 36 5.39 -23.64 1.32
C GLN C 36 5.72 -25.07 1.74
N GLN C 37 6.78 -25.66 1.18
CA GLN C 37 7.10 -27.03 1.56
C GLN C 37 7.57 -27.09 3.01
N LYS C 38 8.03 -25.95 3.52
CA LYS C 38 8.50 -25.86 4.89
C LYS C 38 7.35 -26.06 5.89
N TYR C 39 6.12 -25.92 5.41
CA TYR C 39 4.94 -26.09 6.26
C TYR C 39 4.03 -27.22 5.78
N HIS C 40 4.28 -27.73 4.57
CA HIS C 40 3.46 -28.80 4.01
C HIS C 40 4.32 -29.78 3.22
N PRO C 41 5.01 -30.70 3.93
CA PRO C 41 5.87 -31.71 3.31
C PRO C 41 5.28 -32.40 2.08
N GLY C 42 4.02 -32.80 2.16
CA GLY C 42 3.37 -33.48 1.05
C GLY C 42 2.91 -32.61 -0.10
N LEU C 43 3.05 -31.29 0.02
CA LEU C 43 2.63 -30.36 -1.04
C LEU C 43 3.22 -30.78 -2.39
N GLU C 44 2.37 -30.90 -3.40
CA GLU C 44 2.83 -31.27 -4.73
C GLU C 44 2.83 -30.09 -5.70
N LEU C 45 3.66 -30.18 -6.74
CA LEU C 45 3.77 -29.13 -7.75
C LEU C 45 2.41 -28.89 -8.41
N ASP C 46 1.62 -29.96 -8.52
CA ASP C 46 0.31 -29.88 -9.14
C ASP C 46 -0.57 -28.85 -8.44
N ILE C 47 -0.61 -28.90 -7.11
CA ILE C 47 -1.41 -27.95 -6.35
C ILE C 47 -0.84 -26.54 -6.48
N CYS C 48 0.49 -26.44 -6.56
CA CYS C 48 1.15 -25.16 -6.71
C CYS C 48 0.78 -24.53 -8.05
N ARG C 49 0.75 -25.35 -9.11
CA ARG C 49 0.39 -24.85 -10.43
C ARG C 49 -1.03 -24.31 -10.40
N GLN C 50 -1.93 -25.05 -9.76
CA GLN C 50 -3.33 -24.66 -9.66
C GLN C 50 -3.49 -23.28 -9.05
N ASN C 51 -2.78 -23.01 -7.96
CA ASN C 51 -2.86 -21.72 -7.28
C ASN C 51 -2.26 -20.59 -8.12
N VAL C 52 -1.23 -20.90 -8.90
CA VAL C 52 -0.63 -19.88 -9.76
C VAL C 52 -1.65 -19.51 -10.84
N GLU C 53 -2.36 -20.51 -11.34
CA GLU C 53 -3.38 -20.31 -12.36
C GLU C 53 -4.46 -19.37 -11.84
N HIS C 54 -4.94 -19.60 -10.62
CA HIS C 54 -5.97 -18.76 -10.01
C HIS C 54 -5.50 -17.29 -9.92
N VAL C 55 -4.24 -17.09 -9.59
CA VAL C 55 -3.71 -15.74 -9.50
C VAL C 55 -3.73 -15.08 -10.88
N LEU C 56 -3.30 -15.82 -11.88
CA LEU C 56 -3.25 -15.29 -13.25
C LEU C 56 -4.62 -14.97 -13.83
N ARG C 57 -5.68 -15.53 -13.24
CA ARG C 57 -7.02 -15.25 -13.75
C ARG C 57 -7.58 -13.93 -13.24
N LYS C 58 -6.88 -13.28 -12.31
CA LYS C 58 -7.35 -12.01 -11.78
C LYS C 58 -6.96 -10.81 -12.63
N ARG C 59 -7.96 -9.98 -12.94
CA ARG C 59 -7.75 -8.78 -13.75
C ARG C 59 -6.67 -7.85 -13.19
N GLU C 60 -6.62 -7.69 -11.86
CA GLU C 60 -5.62 -6.84 -11.24
C GLU C 60 -4.20 -7.32 -11.57
N VAL C 61 -4.03 -8.63 -11.57
CA VAL C 61 -2.73 -9.22 -11.87
C VAL C 61 -2.40 -9.06 -13.35
N GLN C 62 -3.38 -9.31 -14.21
CA GLN C 62 -3.16 -9.20 -15.66
C GLN C 62 -2.77 -7.77 -16.01
N ASN C 63 -3.42 -6.79 -15.40
CA ASN C 63 -3.08 -5.40 -15.67
C ASN C 63 -1.62 -5.10 -15.31
N ALA C 64 -1.17 -5.61 -14.17
CA ALA C 64 0.20 -5.39 -13.72
C ALA C 64 1.21 -6.06 -14.62
N VAL C 65 0.92 -7.29 -15.03
CA VAL C 65 1.78 -8.07 -15.91
C VAL C 65 1.98 -7.35 -17.22
N LEU C 66 0.88 -6.93 -17.86
CA LEU C 66 0.97 -6.23 -19.14
C LEU C 66 1.76 -4.92 -19.04
N THR C 67 1.42 -4.11 -18.03
CA THR C 67 2.08 -2.83 -17.87
C THR C 67 3.57 -3.00 -17.58
N GLY C 68 3.90 -3.91 -16.67
CA GLY C 68 5.29 -4.14 -16.32
C GLY C 68 6.12 -4.69 -17.47
N ILE C 69 5.65 -5.74 -18.13
CA ILE C 69 6.40 -6.31 -19.24
C ILE C 69 6.55 -5.27 -20.37
N GLN C 70 5.51 -4.49 -20.61
CA GLN C 70 5.55 -3.46 -21.66
C GLN C 70 6.74 -2.52 -21.44
N LEU C 71 6.93 -2.12 -20.18
CA LEU C 71 8.04 -1.23 -19.85
C LEU C 71 9.39 -1.92 -20.02
N ASP C 72 9.49 -3.19 -19.64
CA ASP C 72 10.77 -3.91 -19.80
C ASP C 72 11.08 -4.02 -21.29
N VAL C 73 10.08 -4.38 -22.08
CA VAL C 73 10.25 -4.56 -23.52
C VAL C 73 10.70 -3.30 -24.23
N ALA C 75 12.22 -0.75 -22.87
CA ALA C 75 13.55 -0.40 -22.39
C ALA C 75 14.54 -1.26 -23.15
N GLU C 76 14.16 -2.52 -23.35
CA GLU C 76 15.00 -3.48 -24.06
C GLU C 76 15.24 -3.03 -25.50
N LYS C 77 14.26 -2.35 -26.09
CA LYS C 77 14.37 -1.86 -27.46
C LYS C 77 14.87 -0.41 -27.47
N GLY C 78 15.19 0.10 -26.29
CA GLY C 78 15.68 1.47 -26.16
C GLY C 78 14.71 2.51 -26.68
N GLU C 79 13.42 2.27 -26.45
CA GLU C 79 12.38 3.18 -26.93
C GLU C 79 11.83 4.19 -25.92
N LEU C 80 12.23 4.08 -24.65
CA LEU C 80 11.75 5.01 -23.63
C LEU C 80 12.53 6.32 -23.62
N VAL C 81 11.92 7.38 -23.12
CA VAL C 81 12.59 8.67 -23.04
C VAL C 81 13.65 8.63 -21.95
N GLN C 82 14.70 9.43 -22.10
CA GLN C 82 15.73 9.50 -21.08
C GLN C 82 15.22 10.47 -20.02
N PRO C 83 15.60 10.26 -18.74
CA PRO C 83 16.47 9.20 -18.24
C PRO C 83 15.77 7.89 -17.86
N LEU C 84 14.45 7.83 -18.02
CA LEU C 84 13.72 6.62 -17.68
C LEU C 84 14.32 5.40 -18.39
N GLN C 85 14.70 5.59 -19.65
CA GLN C 85 15.28 4.51 -20.44
C GLN C 85 16.47 3.87 -19.72
N ASN C 86 17.43 4.69 -19.28
CA ASN C 86 18.60 4.17 -18.59
C ASN C 86 18.28 3.67 -17.18
N ILE C 87 17.36 4.35 -16.51
CA ILE C 87 16.96 3.96 -15.16
C ILE C 87 16.38 2.54 -15.17
N ILE C 88 15.44 2.28 -16.07
CA ILE C 88 14.81 0.96 -16.15
C ILE C 88 15.75 -0.09 -16.75
N SER C 89 16.45 0.26 -17.82
CA SER C 89 17.34 -0.69 -18.46
C SER C 89 18.45 -1.15 -17.50
N ALA C 90 18.90 -0.25 -16.64
CA ALA C 90 19.96 -0.59 -15.68
C ALA C 90 19.40 -1.15 -14.37
N ASP C 91 18.08 -1.17 -14.25
CA ASP C 91 17.43 -1.68 -13.05
C ASP C 91 18.01 -0.96 -11.83
N GLU C 92 17.99 0.37 -11.87
CA GLU C 92 18.52 1.20 -10.79
C GLU C 92 17.95 0.85 -9.43
N GLY C 93 18.83 0.74 -8.44
CA GLY C 93 18.41 0.39 -7.10
C GLY C 93 17.44 1.34 -6.44
N LEU C 94 17.49 2.62 -6.80
CA LEU C 94 16.58 3.59 -6.20
C LEU C 94 15.25 3.75 -6.93
N TYR C 95 15.07 2.99 -8.00
CA TYR C 95 13.83 3.02 -8.78
C TYR C 95 12.92 1.94 -8.17
N GLY C 96 11.80 2.36 -7.59
CA GLY C 96 10.92 1.39 -6.96
C GLY C 96 9.54 1.19 -7.55
N VAL C 97 9.32 1.68 -8.77
CA VAL C 97 8.03 1.54 -9.41
C VAL C 97 7.74 0.06 -9.69
N ASP C 98 8.79 -0.71 -9.99
CA ASP C 98 8.58 -2.12 -10.25
C ASP C 98 8.08 -2.83 -8.97
N GLU C 99 8.59 -2.43 -7.81
CA GLU C 99 8.16 -3.04 -6.55
C GLU C 99 6.72 -2.61 -6.21
N ILE C 100 6.36 -1.40 -6.60
CA ILE C 100 5.03 -0.87 -6.36
C ILE C 100 4.02 -1.68 -7.18
N LEU C 101 4.35 -1.92 -8.45
CA LEU C 101 3.47 -2.66 -9.32
C LEU C 101 3.35 -4.09 -8.78
N ALA C 102 4.48 -4.64 -8.35
CA ALA C 102 4.52 -6.00 -7.82
C ALA C 102 3.66 -6.16 -6.58
N LEU C 103 3.68 -5.18 -5.69
CA LEU C 103 2.89 -5.28 -4.47
C LEU C 103 1.39 -5.36 -4.76
N SER C 104 0.95 -4.78 -5.88
CA SER C 104 -0.47 -4.80 -6.23
C SER C 104 -0.92 -6.20 -6.59
N ILE C 105 0.05 -7.03 -7.00
CA ILE C 105 -0.23 -8.42 -7.33
C ILE C 105 -0.32 -9.19 -6.01
N VAL C 106 0.65 -8.97 -5.13
CA VAL C 106 0.67 -9.65 -3.84
C VAL C 106 -0.63 -9.36 -3.09
N ASN C 107 -1.07 -8.11 -3.14
CA ASN C 107 -2.28 -7.69 -2.45
C ASN C 107 -3.57 -8.39 -2.86
N VAL C 108 -3.61 -9.04 -4.03
CA VAL C 108 -4.85 -9.71 -4.41
C VAL C 108 -5.19 -10.79 -3.39
N TYR C 109 -4.18 -11.26 -2.66
CA TYR C 109 -4.43 -12.25 -1.63
C TYR C 109 -4.02 -11.80 -0.24
N GLY C 110 -4.03 -10.48 -0.03
CA GLY C 110 -3.73 -9.93 1.28
C GLY C 110 -2.30 -9.74 1.73
N SER C 111 -2.16 -9.00 2.83
CA SER C 111 -0.86 -8.67 3.41
C SER C 111 -0.03 -9.87 3.86
N ILE C 112 -0.65 -11.02 4.04
CA ILE C 112 0.11 -12.19 4.49
C ILE C 112 1.11 -12.66 3.45
N GLY C 113 1.07 -12.06 2.26
CA GLY C 113 2.01 -12.43 1.22
C GLY C 113 3.20 -11.48 1.13
N PHE C 114 3.15 -10.40 1.90
CA PHE C 114 4.24 -9.41 1.88
C PHE C 114 5.60 -10.03 2.15
N THR C 115 5.71 -10.84 3.20
CA THR C 115 6.98 -11.47 3.57
C THR C 115 7.57 -12.38 2.51
N ASN C 116 6.78 -13.32 1.99
CA ASN C 116 7.28 -14.22 0.96
C ASN C 116 7.74 -13.47 -0.27
N TYR C 117 7.03 -12.40 -0.63
CA TYR C 117 7.40 -11.60 -1.79
C TYR C 117 8.81 -11.03 -1.61
N GLY C 118 9.03 -10.36 -0.47
CA GLY C 118 10.34 -9.78 -0.23
C GLY C 118 11.43 -10.83 -0.13
N TYR C 119 11.16 -11.89 0.63
CA TYR C 119 12.12 -12.97 0.82
C TYR C 119 12.55 -13.58 -0.50
N ILE C 120 11.58 -13.97 -1.32
CA ILE C 120 11.90 -14.60 -2.59
C ILE C 120 12.58 -13.63 -3.55
N ASP C 121 12.25 -12.34 -3.47
CA ASP C 121 12.87 -11.35 -4.35
C ASP C 121 14.34 -11.16 -3.98
N LYS C 122 14.66 -11.35 -2.71
CA LYS C 122 16.03 -11.20 -2.23
C LYS C 122 16.86 -12.44 -2.52
N VAL C 123 16.30 -13.61 -2.25
CA VAL C 123 17.00 -14.88 -2.48
C VAL C 123 17.12 -15.17 -3.98
N LYS C 124 16.05 -14.93 -4.70
CA LYS C 124 15.99 -15.14 -6.15
C LYS C 124 16.32 -16.57 -6.58
N PRO C 125 15.56 -17.55 -6.07
CA PRO C 125 15.84 -18.93 -6.48
C PRO C 125 15.25 -19.20 -7.86
N GLY C 126 15.63 -20.34 -8.44
CA GLY C 126 15.12 -20.74 -9.75
C GLY C 126 15.08 -19.70 -10.86
N ILE C 127 13.91 -19.57 -11.47
CA ILE C 127 13.69 -18.66 -12.58
C ILE C 127 14.06 -17.20 -12.25
N LEU C 128 13.87 -16.79 -11.00
CA LEU C 128 14.19 -15.42 -10.61
C LEU C 128 15.70 -15.17 -10.75
N ALA C 129 16.49 -16.23 -10.69
CA ALA C 129 17.93 -16.11 -10.84
C ALA C 129 18.23 -15.85 -12.32
N LYS C 130 17.50 -16.54 -13.19
CA LYS C 130 17.68 -16.39 -14.63
C LYS C 130 17.18 -15.04 -15.16
N LEU C 131 16.31 -14.37 -14.41
CA LEU C 131 15.80 -13.06 -14.83
C LEU C 131 16.67 -11.92 -14.31
N ASN C 132 17.58 -12.23 -13.40
CA ASN C 132 18.45 -11.22 -12.83
C ASN C 132 19.91 -11.40 -13.23
N GLU C 133 20.15 -11.73 -14.48
CA GLU C 133 21.51 -11.90 -14.96
C GLU C 133 22.12 -10.57 -15.38
N HIS C 134 21.28 -9.62 -15.77
CA HIS C 134 21.72 -8.31 -16.20
C HIS C 134 22.87 -8.45 -17.20
N ASP C 135 22.58 -9.08 -18.34
CA ASP C 135 23.57 -9.30 -19.38
C ASP C 135 23.80 -8.08 -20.26
N GLY C 136 23.16 -6.97 -19.91
CA GLY C 136 23.32 -5.75 -20.68
C GLY C 136 22.48 -5.73 -21.95
N ILE C 137 21.72 -6.80 -22.17
CA ILE C 137 20.87 -6.91 -23.34
C ILE C 137 19.41 -7.02 -22.90
N ALA C 138 19.09 -8.10 -22.20
CA ALA C 138 17.73 -8.33 -21.74
C ALA C 138 17.40 -7.44 -20.54
N VAL C 139 16.14 -7.05 -20.43
CA VAL C 139 15.68 -6.21 -19.32
C VAL C 139 14.48 -6.88 -18.68
N HIS C 140 14.59 -7.16 -17.38
CA HIS C 140 13.51 -7.80 -16.64
C HIS C 140 13.25 -7.07 -15.32
N THR C 141 13.46 -5.75 -15.36
CA THR C 141 13.28 -4.90 -14.20
C THR C 141 11.91 -5.07 -13.55
N PHE C 142 10.86 -5.13 -14.36
CA PHE C 142 9.51 -5.31 -13.83
C PHE C 142 9.12 -6.78 -13.71
N LEU C 143 9.55 -7.59 -14.67
CA LEU C 143 9.20 -9.01 -14.68
C LEU C 143 9.68 -9.80 -13.46
N ASP C 144 10.89 -9.54 -13.00
CA ASP C 144 11.41 -10.28 -11.86
C ASP C 144 10.53 -10.09 -10.62
N ASP C 145 10.05 -8.87 -10.39
CA ASP C 145 9.18 -8.58 -9.26
C ASP C 145 7.78 -9.15 -9.49
N ILE C 146 7.35 -9.09 -10.74
CA ILE C 146 6.04 -9.63 -11.10
C ILE C 146 5.99 -11.14 -10.82
N VAL C 147 7.04 -11.86 -11.24
CA VAL C 147 7.11 -13.31 -11.01
C VAL C 147 7.13 -13.63 -9.53
N GLY C 148 7.97 -12.93 -8.79
CA GLY C 148 8.07 -13.15 -7.35
C GLY C 148 6.73 -12.86 -6.68
N ALA C 149 6.06 -11.80 -7.15
CA ALA C 149 4.78 -11.41 -6.58
C ALA C 149 3.71 -12.46 -6.86
N ILE C 150 3.69 -13.01 -8.07
CA ILE C 150 2.70 -14.02 -8.41
C ILE C 150 2.90 -15.23 -7.51
N ALA C 151 4.17 -15.59 -7.29
CA ALA C 151 4.48 -16.73 -6.44
C ALA C 151 4.01 -16.48 -5.01
N ALA C 152 4.24 -15.27 -4.51
CA ALA C 152 3.83 -14.94 -3.15
C ALA C 152 2.30 -14.96 -3.03
N ALA C 153 1.62 -14.41 -4.03
CA ALA C 153 0.15 -14.38 -4.01
C ALA C 153 -0.39 -15.81 -4.04
N ALA C 154 0.22 -16.65 -4.87
CA ALA C 154 -0.18 -18.05 -4.99
C ALA C 154 0.04 -18.78 -3.66
N ALA C 155 1.15 -18.48 -2.99
CA ALA C 155 1.43 -19.11 -1.71
C ALA C 155 0.41 -18.67 -0.65
N SER C 156 -0.01 -17.41 -0.74
CA SER C 156 -1.00 -16.89 0.22
C SER C 156 -2.34 -17.57 0.01
N ARG C 157 -2.72 -17.76 -1.26
CA ARG C 157 -3.98 -18.42 -1.56
C ARG C 157 -3.92 -19.83 -0.97
N LEU C 158 -2.80 -20.50 -1.21
CA LEU C 158 -2.60 -21.85 -0.68
C LEU C 158 -2.76 -21.85 0.84
N ALA C 159 -2.10 -20.92 1.52
CA ALA C 159 -2.18 -20.82 2.97
C ALA C 159 -3.62 -20.70 3.44
N HIS C 160 -4.43 -19.94 2.71
CA HIS C 160 -5.83 -19.77 3.07
C HIS C 160 -6.57 -21.09 2.87
N SER C 161 -6.18 -21.83 1.83
CA SER C 161 -6.80 -23.10 1.52
C SER C 161 -6.60 -24.17 2.58
N TYR C 162 -5.36 -24.34 3.06
CA TYR C 162 -5.09 -25.34 4.09
C TYR C 162 -5.94 -25.08 5.33
N HIS C 163 -5.97 -23.82 5.77
CA HIS C 163 -6.74 -23.44 6.95
C HIS C 163 -8.21 -23.86 6.80
N ASP C 164 -8.76 -23.63 5.62
CA ASP C 164 -10.15 -23.96 5.34
C ASP C 164 -10.35 -24.41 3.91
N LYS D 6 12.30 19.82 22.80
CA LYS D 6 12.53 18.88 21.67
C LYS D 6 11.99 17.49 22.03
N GLN D 7 11.67 16.70 21.01
CA GLN D 7 11.11 15.37 21.21
C GLN D 7 9.75 15.43 21.89
N SER D 8 8.71 15.19 21.11
CA SER D 8 7.34 15.22 21.60
C SER D 8 7.07 14.07 22.56
N ALA D 9 5.89 14.10 23.19
CA ALA D 9 5.51 13.03 24.10
C ALA D 9 5.40 11.75 23.30
N LEU D 10 4.90 11.89 22.07
CA LEU D 10 4.73 10.76 21.18
C LEU D 10 6.06 10.06 20.90
N GLU D 11 7.07 10.84 20.51
CA GLU D 11 8.38 10.26 20.23
C GLU D 11 9.03 9.65 21.47
N SER D 12 8.90 10.34 22.60
CA SER D 12 9.49 9.86 23.84
C SER D 12 8.93 8.51 24.28
N LYS D 13 7.61 8.36 24.17
CA LYS D 13 6.97 7.12 24.55
C LYS D 13 7.33 6.01 23.58
N ALA D 14 7.33 6.33 22.28
CA ALA D 14 7.67 5.34 21.27
C ALA D 14 9.05 4.77 21.59
N ARG D 15 10.00 5.66 21.81
CA ARG D 15 11.36 5.24 22.12
C ARG D 15 11.42 4.46 23.43
N SER D 16 10.83 4.99 24.50
CA SER D 16 10.86 4.31 25.78
C SER D 16 10.15 2.95 25.76
N TRP D 17 9.04 2.85 25.02
CA TRP D 17 8.32 1.58 24.96
C TRP D 17 9.10 0.50 24.21
N LEU D 18 9.85 0.90 23.18
CA LEU D 18 10.65 -0.08 22.43
C LEU D 18 11.66 -0.71 23.38
N ILE D 19 12.28 0.15 24.19
CA ILE D 19 13.28 -0.30 25.15
C ILE D 19 12.62 -1.16 26.23
N GLU D 20 11.44 -0.73 26.68
CA GLU D 20 10.71 -1.47 27.71
C GLU D 20 10.36 -2.88 27.22
N ARG D 21 10.16 -3.03 25.93
CA ARG D 21 9.80 -4.33 25.35
C ARG D 21 11.01 -5.20 25.02
N GLY D 22 12.21 -4.67 25.23
CA GLY D 22 13.41 -5.44 24.98
C GLY D 22 14.20 -5.12 23.71
N VAL D 23 13.90 -4.01 23.06
CA VAL D 23 14.61 -3.64 21.84
C VAL D 23 15.39 -2.34 21.99
N GLU D 24 16.70 -2.42 21.80
CA GLU D 24 17.58 -1.26 21.90
C GLU D 24 17.89 -0.73 20.50
N ILE D 25 18.29 0.54 20.42
CA ILE D 25 18.61 1.15 19.14
C ILE D 25 19.69 0.34 18.41
N ASP D 26 20.71 -0.09 19.14
CA ASP D 26 21.80 -0.86 18.55
C ASP D 26 21.32 -2.19 17.98
N ASP D 27 20.26 -2.76 18.56
CA ASP D 27 19.71 -4.02 18.08
C ASP D 27 19.21 -3.82 16.66
N ILE D 28 18.54 -2.68 16.43
CA ILE D 28 18.01 -2.36 15.12
C ILE D 28 19.13 -2.00 14.17
N ALA D 29 20.12 -1.28 14.68
CA ALA D 29 21.27 -0.88 13.86
C ALA D 29 21.96 -2.12 13.30
N GLU D 30 21.95 -3.19 14.09
CA GLU D 30 22.56 -4.45 13.69
C GLU D 30 21.83 -5.05 12.49
N LEU D 31 20.51 -4.88 12.46
CA LEU D 31 19.71 -5.40 11.35
C LEU D 31 20.02 -4.61 10.07
N VAL D 32 20.24 -3.31 10.22
CA VAL D 32 20.55 -2.46 9.08
C VAL D 32 21.90 -2.89 8.48
N LEU D 33 22.88 -3.13 9.36
CA LEU D 33 24.20 -3.56 8.90
C LEU D 33 24.05 -4.90 8.16
N PHE D 34 23.24 -5.78 8.72
CA PHE D 34 22.97 -7.09 8.13
C PHE D 34 22.45 -6.94 6.70
N LEU D 35 21.61 -5.94 6.48
CA LEU D 35 21.01 -5.69 5.17
C LEU D 35 21.85 -4.90 4.15
N GLN D 36 22.66 -3.97 4.63
CA GLN D 36 23.44 -3.12 3.72
C GLN D 36 24.95 -3.37 3.61
N GLN D 37 25.57 -3.94 4.63
CA GLN D 37 27.01 -4.17 4.57
C GLN D 37 27.41 -5.05 3.39
N LYS D 38 26.54 -5.98 3.03
CA LYS D 38 26.81 -6.88 1.92
C LYS D 38 26.86 -6.15 0.58
N TYR D 39 26.41 -4.89 0.58
CA TYR D 39 26.41 -4.09 -0.64
C TYR D 39 27.46 -2.98 -0.62
N HIS D 40 27.80 -2.51 0.58
CA HIS D 40 28.79 -1.46 0.71
C HIS D 40 29.82 -1.82 1.79
N PRO D 41 30.83 -2.62 1.43
CA PRO D 41 31.85 -3.01 2.40
C PRO D 41 32.46 -1.77 3.06
N GLY D 42 32.72 -1.85 4.36
CA GLY D 42 33.29 -0.72 5.06
C GLY D 42 32.24 0.00 5.89
N LEU D 43 30.98 -0.39 5.71
CA LEU D 43 29.87 0.21 6.45
C LEU D 43 29.99 -0.17 7.91
N GLU D 44 29.90 0.82 8.80
CA GLU D 44 30.00 0.54 10.21
C GLU D 44 28.67 0.80 10.92
N LEU D 45 28.55 0.25 12.13
CA LEU D 45 27.34 0.36 12.93
C LEU D 45 26.89 1.79 13.22
N ASP D 46 27.85 2.71 13.36
CA ASP D 46 27.53 4.10 13.67
C ASP D 46 26.59 4.72 12.63
N ILE D 47 26.89 4.53 11.36
CA ILE D 47 26.07 5.07 10.29
C ILE D 47 24.71 4.41 10.30
N CYS D 48 24.70 3.10 10.57
CA CYS D 48 23.45 2.35 10.62
C CYS D 48 22.59 2.87 11.79
N ARG D 49 23.24 3.10 12.93
CA ARG D 49 22.56 3.60 14.12
C ARG D 49 21.91 4.95 13.81
N GLN D 50 22.65 5.81 13.12
CA GLN D 50 22.16 7.13 12.76
C GLN D 50 20.89 7.10 11.91
N ASN D 51 20.83 6.19 10.96
CA ASN D 51 19.64 6.09 10.12
C ASN D 51 18.45 5.55 10.91
N VAL D 52 18.71 4.67 11.87
CA VAL D 52 17.64 4.15 12.69
C VAL D 52 17.06 5.32 13.47
N GLU D 53 17.94 6.19 13.97
CA GLU D 53 17.52 7.37 14.73
C GLU D 53 16.62 8.26 13.88
N HIS D 54 17.01 8.47 12.63
CA HIS D 54 16.22 9.31 11.73
C HIS D 54 14.83 8.73 11.51
N VAL D 55 14.76 7.41 11.34
CA VAL D 55 13.48 6.74 11.15
C VAL D 55 12.59 6.92 12.37
N LEU D 56 13.16 6.76 13.56
CA LEU D 56 12.38 6.88 14.78
C LEU D 56 11.88 8.29 15.06
N ARG D 57 12.45 9.29 14.40
CA ARG D 57 12.04 10.67 14.58
C ARG D 57 10.78 11.01 13.77
N LYS D 58 10.36 10.07 12.91
CA LYS D 58 9.18 10.30 12.09
C LYS D 58 7.87 9.94 12.79
N ARG D 59 6.91 10.87 12.74
CA ARG D 59 5.60 10.67 13.37
C ARG D 59 4.87 9.41 12.88
N GLU D 60 4.91 9.17 11.58
CA GLU D 60 4.26 7.98 11.01
C GLU D 60 4.79 6.72 11.71
N VAL D 61 6.10 6.67 11.89
CA VAL D 61 6.74 5.52 12.54
C VAL D 61 6.33 5.43 14.01
N GLN D 62 6.35 6.56 14.70
CA GLN D 62 5.98 6.58 16.11
C GLN D 62 4.55 6.11 16.32
N ASN D 63 3.62 6.61 15.50
CA ASN D 63 2.23 6.19 15.63
C ASN D 63 2.08 4.68 15.50
N ALA D 64 2.78 4.09 14.54
CA ALA D 64 2.70 2.65 14.33
C ALA D 64 3.29 1.89 15.51
N VAL D 65 4.42 2.36 16.01
CA VAL D 65 5.06 1.71 17.14
C VAL D 65 4.15 1.63 18.36
N LEU D 66 3.51 2.75 18.70
CA LEU D 66 2.60 2.77 19.86
C LEU D 66 1.40 1.85 19.69
N THR D 67 0.76 1.94 18.54
CA THR D 67 -0.42 1.13 18.27
C THR D 67 -0.14 -0.36 18.28
N GLY D 68 0.94 -0.77 17.61
CA GLY D 68 1.28 -2.18 17.55
C GLY D 68 1.69 -2.75 18.91
N ILE D 69 2.57 -2.05 19.61
CA ILE D 69 3.00 -2.50 20.93
C ILE D 69 1.82 -2.51 21.89
N GLN D 70 0.95 -1.53 21.78
CA GLN D 70 -0.23 -1.47 22.65
C GLN D 70 -1.01 -2.77 22.49
N LEU D 71 -1.17 -3.21 21.25
CA LEU D 71 -1.90 -4.44 20.98
C LEU D 71 -1.18 -5.68 21.51
N ASP D 72 0.14 -5.75 21.35
CA ASP D 72 0.90 -6.89 21.86
C ASP D 72 0.74 -6.97 23.38
N VAL D 73 0.87 -5.81 24.03
CA VAL D 73 0.77 -5.73 25.48
C VAL D 73 -0.58 -6.18 26.03
N ALA D 75 -2.67 -8.14 24.54
CA ALA D 75 -2.83 -9.55 24.23
C ALA D 75 -2.08 -10.32 25.31
N GLU D 76 -0.91 -9.79 25.66
CA GLU D 76 -0.05 -10.40 26.68
C GLU D 76 -0.80 -10.48 28.01
N LYS D 77 -1.55 -9.43 28.34
CA LYS D 77 -2.32 -9.40 29.58
C LYS D 77 -3.66 -10.07 29.39
N GLY D 78 -3.92 -10.53 28.16
CA GLY D 78 -5.17 -11.20 27.85
C GLY D 78 -6.39 -10.31 28.02
N GLU D 79 -6.26 -9.04 27.67
CA GLU D 79 -7.36 -8.10 27.83
C GLU D 79 -8.17 -7.82 26.57
N LEU D 80 -7.84 -8.50 25.47
CA LEU D 80 -8.55 -8.28 24.22
C LEU D 80 -9.76 -9.19 24.10
N VAL D 81 -10.75 -8.76 23.34
CA VAL D 81 -11.96 -9.55 23.13
C VAL D 81 -11.65 -10.75 22.24
N GLN D 82 -12.40 -11.84 22.41
CA GLN D 82 -12.21 -13.02 21.57
C GLN D 82 -12.98 -12.78 20.27
N PRO D 83 -12.49 -13.35 19.15
CA PRO D 83 -11.31 -14.19 19.02
C PRO D 83 -10.01 -13.43 18.76
N LEU D 84 -10.09 -12.11 18.72
CA LEU D 84 -8.91 -11.29 18.47
C LEU D 84 -7.81 -11.61 19.50
N GLN D 85 -8.21 -11.81 20.74
CA GLN D 85 -7.26 -12.15 21.80
C GLN D 85 -6.40 -13.34 21.42
N ASN D 86 -7.05 -14.46 21.09
CA ASN D 86 -6.31 -15.66 20.71
C ASN D 86 -5.58 -15.51 19.38
N ILE D 87 -6.19 -14.78 18.45
CA ILE D 87 -5.59 -14.58 17.14
C ILE D 87 -4.23 -13.88 17.29
N ILE D 88 -4.21 -12.78 18.03
CA ILE D 88 -2.99 -12.03 18.24
C ILE D 88 -2.00 -12.77 19.14
N SER D 89 -2.48 -13.37 20.22
CA SER D 89 -1.60 -14.10 21.14
C SER D 89 -0.88 -15.24 20.44
N ALA D 90 -1.61 -16.01 19.64
CA ALA D 90 -1.05 -17.14 18.93
C ALA D 90 -0.28 -16.72 17.69
N ASP D 91 -0.40 -15.45 17.33
CA ASP D 91 0.28 -14.92 16.15
C ASP D 91 -0.14 -15.71 14.91
N GLU D 92 -1.45 -15.88 14.74
CA GLU D 92 -2.03 -16.63 13.62
C GLU D 92 -1.48 -16.23 12.25
N GLY D 93 -1.17 -17.25 11.45
CA GLY D 93 -0.61 -17.03 10.13
C GLY D 93 -1.48 -16.25 9.16
N LEU D 94 -2.79 -16.36 9.30
CA LEU D 94 -3.70 -15.68 8.39
C LEU D 94 -4.08 -14.27 8.85
N TYR D 95 -3.51 -13.84 9.96
CA TYR D 95 -3.75 -12.49 10.50
C TYR D 95 -2.64 -11.60 9.95
N GLY D 96 -3.00 -10.65 9.09
CA GLY D 96 -2.00 -9.78 8.51
C GLY D 96 -2.01 -8.31 8.91
N VAL D 97 -2.75 -7.96 9.95
CA VAL D 97 -2.79 -6.57 10.38
C VAL D 97 -1.42 -6.11 10.87
N ASP D 98 -0.66 -7.01 11.48
CA ASP D 98 0.66 -6.63 11.95
C ASP D 98 1.57 -6.28 10.77
N GLU D 99 1.46 -7.00 9.66
CA GLU D 99 2.28 -6.72 8.48
C GLU D 99 1.82 -5.41 7.80
N ILE D 100 0.53 -5.13 7.90
CA ILE D 100 -0.05 -3.91 7.31
C ILE D 100 0.50 -2.69 8.04
N LEU D 101 0.46 -2.75 9.37
CA LEU D 101 0.95 -1.65 10.19
C LEU D 101 2.46 -1.44 9.96
N ALA D 102 3.20 -2.54 9.87
CA ALA D 102 4.65 -2.46 9.64
C ALA D 102 4.97 -1.84 8.28
N LEU D 103 4.14 -2.14 7.28
CA LEU D 103 4.36 -1.59 5.94
C LEU D 103 4.35 -0.06 5.95
N SER D 104 3.55 0.54 6.81
CA SER D 104 3.47 2.01 6.87
C SER D 104 4.81 2.58 7.34
N ILE D 105 5.55 1.80 8.12
CA ILE D 105 6.85 2.24 8.60
C ILE D 105 7.84 2.18 7.43
N VAL D 106 7.85 1.06 6.71
CA VAL D 106 8.74 0.91 5.56
C VAL D 106 8.50 2.03 4.55
N ASN D 107 7.23 2.34 4.32
CA ASN D 107 6.83 3.36 3.35
C ASN D 107 7.37 4.78 3.59
N VAL D 108 7.79 5.09 4.82
CA VAL D 108 8.31 6.43 5.06
C VAL D 108 9.49 6.73 4.17
N TYR D 109 10.17 5.67 3.72
CA TYR D 109 11.31 5.84 2.83
C TYR D 109 11.12 5.13 1.50
N GLY D 110 9.87 4.83 1.16
CA GLY D 110 9.58 4.23 -0.14
C GLY D 110 9.54 2.73 -0.35
N SER D 111 9.10 2.36 -1.54
CA SER D 111 8.95 0.97 -1.96
C SER D 111 10.25 0.19 -2.06
N ILE D 112 11.37 0.89 -2.17
CA ILE D 112 12.66 0.21 -2.27
C ILE D 112 12.99 -0.55 -0.99
N GLY D 113 12.17 -0.35 0.04
CA GLY D 113 12.40 -1.05 1.30
C GLY D 113 11.53 -2.29 1.43
N PHE D 114 10.56 -2.43 0.54
CA PHE D 114 9.63 -3.57 0.56
C PHE D 114 10.31 -4.92 0.68
N THR D 115 11.22 -5.22 -0.25
CA THR D 115 11.90 -6.51 -0.24
C THR D 115 12.75 -6.79 0.99
N ASN D 116 13.43 -5.78 1.53
CA ASN D 116 14.24 -6.02 2.72
C ASN D 116 13.36 -6.32 3.92
N TYR D 117 12.18 -5.72 3.97
CA TYR D 117 11.25 -5.96 5.07
C TYR D 117 10.81 -7.43 5.07
N GLY D 118 10.40 -7.93 3.91
CA GLY D 118 9.98 -9.31 3.81
C GLY D 118 11.12 -10.28 4.07
N TYR D 119 12.27 -9.98 3.47
CA TYR D 119 13.46 -10.81 3.61
C TYR D 119 13.89 -10.97 5.07
N ILE D 120 14.02 -9.85 5.79
CA ILE D 120 14.45 -9.92 7.19
C ILE D 120 13.40 -10.61 8.06
N ASP D 121 12.13 -10.46 7.71
CA ASP D 121 11.06 -11.08 8.48
C ASP D 121 11.09 -12.61 8.40
N LYS D 122 11.62 -13.13 7.30
CA LYS D 122 11.69 -14.57 7.14
C LYS D 122 12.99 -15.16 7.69
N VAL D 123 14.09 -14.43 7.54
CA VAL D 123 15.39 -14.89 8.04
C VAL D 123 15.51 -14.71 9.55
N LYS D 124 14.89 -13.66 10.06
CA LYS D 124 14.89 -13.33 11.49
C LYS D 124 16.25 -13.33 12.16
N PRO D 125 17.18 -12.47 11.71
CA PRO D 125 18.50 -12.42 12.33
C PRO D 125 18.50 -11.60 13.61
N GLY D 126 19.57 -11.71 14.38
CA GLY D 126 19.71 -10.97 15.62
C GLY D 126 18.53 -10.90 16.56
N ILE D 127 18.17 -9.68 16.95
CA ILE D 127 17.08 -9.42 17.88
C ILE D 127 15.74 -10.03 17.45
N LEU D 128 15.55 -10.22 16.15
CA LEU D 128 14.30 -10.79 15.67
C LEU D 128 14.08 -12.24 16.11
N ALA D 129 15.18 -12.97 16.29
CA ALA D 129 15.09 -14.36 16.73
C ALA D 129 14.56 -14.41 18.16
N LYS D 130 14.86 -13.37 18.92
CA LYS D 130 14.43 -13.29 20.32
C LYS D 130 12.93 -12.99 20.43
N LEU D 131 12.42 -12.14 19.55
CA LEU D 131 11.02 -11.76 19.56
C LEU D 131 10.14 -12.83 18.88
N ASN D 132 10.78 -13.88 18.38
CA ASN D 132 10.07 -14.94 17.68
C ASN D 132 10.00 -16.26 18.47
N GLU D 133 10.43 -16.24 19.72
CA GLU D 133 10.43 -17.45 20.54
C GLU D 133 9.06 -18.06 20.82
N HIS D 134 8.02 -17.23 20.92
CA HIS D 134 6.67 -17.72 21.20
C HIS D 134 6.65 -18.63 22.43
N ASP D 135 7.20 -18.14 23.55
CA ASP D 135 7.25 -18.92 24.78
C ASP D 135 5.90 -19.09 25.49
N GLY D 136 4.83 -18.66 24.83
CA GLY D 136 3.51 -18.79 25.43
C GLY D 136 3.14 -17.75 26.47
N ILE D 137 4.07 -16.84 26.77
CA ILE D 137 3.79 -15.79 27.75
C ILE D 137 3.97 -14.42 27.13
N ALA D 138 5.05 -14.24 26.37
CA ALA D 138 5.32 -12.97 25.72
C ALA D 138 4.64 -12.94 24.36
N VAL D 139 4.19 -11.76 23.96
CA VAL D 139 3.53 -11.60 22.67
C VAL D 139 4.23 -10.47 21.92
N HIS D 140 4.78 -10.79 20.75
CA HIS D 140 5.48 -9.80 19.92
C HIS D 140 4.96 -9.86 18.49
N THR D 141 3.68 -10.18 18.34
CA THR D 141 3.06 -10.29 17.02
C THR D 141 3.24 -9.00 16.22
N PHE D 142 3.04 -7.86 16.86
CA PHE D 142 3.20 -6.60 16.16
C PHE D 142 4.64 -6.10 16.20
N LEU D 143 5.30 -6.30 17.34
CA LEU D 143 6.67 -5.83 17.49
C LEU D 143 7.66 -6.44 16.52
N ASP D 144 7.55 -7.73 16.20
CA ASP D 144 8.50 -8.33 15.27
C ASP D 144 8.50 -7.62 13.93
N ASP D 145 7.31 -7.30 13.43
CA ASP D 145 7.18 -6.61 12.14
C ASP D 145 7.67 -5.18 12.23
N ILE D 146 7.37 -4.53 13.35
CA ILE D 146 7.78 -3.14 13.56
C ILE D 146 9.30 -3.02 13.53
N VAL D 147 9.99 -3.94 14.21
CA VAL D 147 11.45 -3.90 14.24
C VAL D 147 12.02 -4.13 12.85
N GLY D 148 11.56 -5.20 12.20
CA GLY D 148 12.05 -5.50 10.86
C GLY D 148 11.76 -4.35 9.91
N ALA D 149 10.64 -3.67 10.13
CA ALA D 149 10.25 -2.56 9.26
C ALA D 149 11.11 -1.33 9.51
N ILE D 150 11.46 -1.05 10.76
CA ILE D 150 12.29 0.10 11.05
C ILE D 150 13.66 -0.15 10.42
N ALA D 151 14.11 -1.40 10.47
CA ALA D 151 15.39 -1.77 9.88
C ALA D 151 15.36 -1.55 8.37
N ALA D 152 14.27 -1.99 7.72
CA ALA D 152 14.16 -1.84 6.27
C ALA D 152 14.11 -0.36 5.88
N ALA D 153 13.35 0.43 6.64
CA ALA D 153 13.24 1.86 6.36
C ALA D 153 14.60 2.53 6.50
N ALA D 154 15.32 2.16 7.56
CA ALA D 154 16.64 2.74 7.80
C ALA D 154 17.57 2.37 6.65
N ALA D 155 17.50 1.12 6.23
CA ALA D 155 18.33 0.63 5.14
C ALA D 155 18.03 1.38 3.85
N SER D 156 16.77 1.76 3.64
CA SER D 156 16.40 2.50 2.44
C SER D 156 16.96 3.91 2.49
N ARG D 157 16.89 4.54 3.67
CA ARG D 157 17.41 5.90 3.82
C ARG D 157 18.90 5.89 3.49
N LEU D 158 19.58 4.86 3.98
CA LEU D 158 21.02 4.71 3.75
C LEU D 158 21.31 4.58 2.26
N ALA D 159 20.49 3.82 1.56
CA ALA D 159 20.66 3.63 0.12
C ALA D 159 20.60 4.96 -0.60
N HIS D 160 19.66 5.82 -0.20
CA HIS D 160 19.51 7.13 -0.81
C HIS D 160 20.73 8.00 -0.49
N SER D 161 21.24 7.87 0.73
CA SER D 161 22.39 8.65 1.18
C SER D 161 23.64 8.39 0.34
N TYR D 162 23.99 7.11 0.21
CA TYR D 162 25.18 6.72 -0.55
C TYR D 162 25.13 7.16 -2.01
N HIS D 163 23.95 7.02 -2.63
CA HIS D 163 23.79 7.40 -4.04
C HIS D 163 24.12 8.86 -4.27
N ASP D 164 23.35 9.75 -3.64
CA ASP D 164 23.55 11.18 -3.80
C ASP D 164 24.12 11.81 -2.53
#